data_4PUD
#
_entry.id   4PUD
#
_cell.length_a   121.394
_cell.length_b   61.664
_cell.length_c   89.321
_cell.angle_alpha   90.00
_cell.angle_beta   119.37
_cell.angle_gamma   90.00
#
_symmetry.space_group_name_H-M   'C 1 2 1'
#
loop_
_entity.id
_entity.type
_entity.pdbx_description
1 polymer Endo-1,4-beta-xylanase
2 branched beta-D-xylopyranose-(1-4)-beta-D-xylopyranose-(1-4)-beta-D-xylopyranose-(1-4)-beta-D-xylopyranose-(1-4)-beta-D-xylopyranose
3 non-polymer 'ZINC ION'
4 non-polymer 'CHLORIDE ION'
5 water water
#
_entity_poly.entity_id   1
_entity_poly.type   'polypeptide(L)'
_entity_poly.pdbx_seq_one_letter_code
;KPHISALNAPQLDQRYKNEFTIGAAVEPYQLQNEKDVQMLKRHFNSIVAENVMKPISIQPEEGKFNFEQADRIVKFAKAN
GMDIRFHTLVWHSQVPQWFFLDKEGKPMVNETDPVKREQNKQLLLKRLETHIKTIVERYKDDIKYWDVVNQVVGDDGKLR
NSPWYQIAGIDYIKVAFQAARKYGGDNIKLYMNDYNTEVEPKRTALYNLVKQLKEEGVPIDGIGHQSHIQIGWPSEAEIE
KTINMFAALGLDNQITELDVSMYGWPPRAYPTYDAIPKQKFLDQAARYDRLFKLYEKLSDKISNVTFWGIADNHTWLDSR
ADVYYDANGNVVVDPNAPYAKVEKGKGKDAPFVFGPDYKVKPAYWAIIDHK
;
_entity_poly.pdbx_strand_id   A
#
loop_
_chem_comp.id
_chem_comp.type
_chem_comp.name
_chem_comp.formula
CL non-polymer 'CHLORIDE ION' 'Cl -1'
XYP D-saccharide, beta linking beta-D-xylopyranose 'C5 H10 O5'
ZN non-polymer 'ZINC ION' 'Zn 2'
#
# COMPACT_ATOMS: atom_id res chain seq x y z
N LYS A 1 -21.11 -22.69 -4.56
CA LYS A 1 -20.87 -21.62 -5.61
C LYS A 1 -19.56 -21.96 -6.33
N PRO A 2 -19.56 -21.94 -7.64
CA PRO A 2 -18.54 -22.65 -8.36
C PRO A 2 -17.22 -21.85 -8.52
N HIS A 3 -16.15 -22.60 -8.77
CA HIS A 3 -14.78 -22.05 -8.94
C HIS A 3 -14.64 -21.73 -10.41
N ILE A 4 -15.34 -20.70 -10.85
CA ILE A 4 -15.42 -20.35 -12.28
C ILE A 4 -14.31 -19.32 -12.60
N SER A 5 -13.96 -19.21 -13.85
CA SER A 5 -12.99 -18.28 -14.34
C SER A 5 -13.45 -16.87 -13.91
N ALA A 6 -12.56 -16.08 -13.33
CA ALA A 6 -12.91 -14.68 -12.97
C ALA A 6 -13.22 -13.85 -14.17
N LEU A 7 -12.60 -14.24 -15.27
N LEU A 7 -12.90 -14.28 -15.40
CA LEU A 7 -12.58 -13.42 -16.48
CA LEU A 7 -13.37 -13.50 -16.58
C LEU A 7 -13.99 -13.11 -16.99
C LEU A 7 -14.80 -13.80 -17.00
N ASN A 8 -14.98 -13.90 -16.60
N ASN A 8 -15.40 -14.79 -16.35
CA ASN A 8 -16.40 -13.65 -16.94
CA ASN A 8 -16.78 -15.11 -16.53
C ASN A 8 -17.43 -13.83 -15.76
C ASN A 8 -17.57 -14.65 -15.36
N ALA A 9 -16.95 -13.82 -14.50
CA ALA A 9 -17.71 -13.64 -13.28
C ALA A 9 -18.23 -12.20 -13.18
N PRO A 10 -19.28 -11.99 -12.37
CA PRO A 10 -19.76 -10.63 -12.16
C PRO A 10 -18.66 -9.66 -11.64
N GLN A 11 -18.68 -8.47 -12.18
CA GLN A 11 -17.58 -7.55 -12.02
C GLN A 11 -17.59 -6.97 -10.60
N LEU A 12 -16.43 -7.04 -9.96
CA LEU A 12 -16.30 -6.61 -8.58
C LEU A 12 -16.44 -5.07 -8.44
N ASP A 13 -15.78 -4.29 -9.32
CA ASP A 13 -15.99 -2.83 -9.26
C ASP A 13 -17.48 -2.40 -9.38
N GLN A 14 -18.23 -3.04 -10.29
CA GLN A 14 -19.63 -2.76 -10.49
C GLN A 14 -20.51 -3.01 -9.25
N ARG A 15 -20.20 -4.06 -8.51
CA ARG A 15 -20.90 -4.43 -7.27
C ARG A 15 -20.77 -3.33 -6.28
N TYR A 16 -19.61 -2.65 -6.29
CA TYR A 16 -19.36 -1.64 -5.24
C TYR A 16 -19.36 -0.18 -5.76
N LYS A 17 -19.74 0.03 -6.99
CA LYS A 17 -19.55 1.38 -7.68
C LYS A 17 -20.19 2.56 -7.00
N ASN A 18 -21.28 2.40 -6.22
CA ASN A 18 -21.80 3.53 -5.44
C ASN A 18 -21.21 3.68 -4.07
N GLU A 19 -20.49 2.65 -3.64
CA GLU A 19 -19.90 2.64 -2.30
C GLU A 19 -18.42 3.17 -2.34
N PHE A 20 -17.57 2.68 -3.25
CA PHE A 20 -16.12 3.06 -3.31
C PHE A 20 -15.54 2.43 -4.56
N THR A 21 -14.47 2.98 -5.14
CA THR A 21 -13.79 2.32 -6.19
C THR A 21 -13.13 1.04 -5.62
N ILE A 22 -12.77 0.15 -6.52
CA ILE A 22 -12.12 -1.09 -6.25
C ILE A 22 -10.84 -1.09 -7.09
N GLY A 23 -9.74 -1.15 -6.40
CA GLY A 23 -8.42 -1.06 -7.06
C GLY A 23 -7.50 -2.25 -6.93
N ALA A 24 -6.46 -2.25 -7.79
CA ALA A 24 -5.42 -3.22 -7.78
C ALA A 24 -4.06 -2.57 -7.93
N ALA A 25 -3.07 -3.12 -7.22
CA ALA A 25 -1.65 -2.75 -7.37
C ALA A 25 -1.04 -3.61 -8.45
N VAL A 26 -0.26 -2.95 -9.32
CA VAL A 26 0.25 -3.62 -10.50
C VAL A 26 1.78 -3.39 -10.70
N GLU A 27 2.36 -4.29 -11.46
CA GLU A 27 3.66 -4.12 -12.07
C GLU A 27 3.49 -3.97 -13.55
N PRO A 28 4.41 -3.23 -14.17
CA PRO A 28 4.25 -3.04 -15.60
C PRO A 28 4.21 -4.37 -16.43
N TYR A 29 4.91 -5.41 -16.02
CA TYR A 29 4.90 -6.64 -16.78
C TYR A 29 3.46 -7.16 -16.82
N GLN A 30 2.63 -6.85 -15.84
CA GLN A 30 1.26 -7.39 -15.84
C GLN A 30 0.42 -6.76 -16.94
N LEU A 31 0.78 -5.57 -17.40
CA LEU A 31 0.10 -4.96 -18.50
C LEU A 31 0.41 -5.58 -19.87
N GLN A 32 1.34 -6.52 -19.88
N GLN A 32 1.33 -6.51 -19.95
CA GLN A 32 1.68 -7.32 -21.05
CA GLN A 32 1.64 -7.15 -21.22
C GLN A 32 1.36 -8.80 -20.82
C GLN A 32 1.07 -8.54 -21.29
N ASN A 33 0.54 -9.08 -19.83
N ASN A 33 0.30 -8.91 -20.28
CA ASN A 33 0.10 -10.45 -19.49
CA ASN A 33 -0.15 -10.29 -20.10
C ASN A 33 -1.40 -10.50 -19.72
C ASN A 33 -1.66 -10.22 -20.33
N GLU A 34 -1.83 -11.26 -20.74
N GLU A 34 -2.19 -11.09 -21.20
CA GLU A 34 -3.20 -11.25 -21.29
CA GLU A 34 -3.61 -11.07 -21.48
C GLU A 34 -4.31 -11.31 -20.23
C GLU A 34 -4.51 -11.34 -20.24
N LYS A 35 -4.16 -12.28 -19.34
CA LYS A 35 -5.04 -12.54 -18.22
C LYS A 35 -5.08 -11.39 -17.23
N ASP A 36 -3.92 -10.84 -16.88
CA ASP A 36 -3.88 -9.69 -15.92
C ASP A 36 -4.59 -8.47 -16.50
N VAL A 37 -4.42 -8.23 -17.79
CA VAL A 37 -5.08 -7.16 -18.48
C VAL A 37 -6.59 -7.35 -18.46
N GLN A 38 -7.05 -8.55 -18.81
N GLN A 38 -7.01 -8.58 -18.80
CA GLN A 38 -8.49 -8.79 -18.79
CA GLN A 38 -8.44 -8.96 -18.75
C GLN A 38 -9.05 -8.72 -17.36
C GLN A 38 -9.02 -8.72 -17.37
N MET A 39 -8.29 -9.13 -16.35
CA MET A 39 -8.70 -8.92 -14.96
C MET A 39 -8.90 -7.44 -14.59
N LEU A 40 -7.94 -6.60 -14.95
CA LEU A 40 -8.04 -5.17 -14.67
C LEU A 40 -9.19 -4.52 -15.36
N LYS A 41 -9.39 -4.87 -16.63
CA LYS A 41 -10.51 -4.32 -17.38
C LYS A 41 -11.82 -4.81 -16.85
N ARG A 42 -11.87 -6.02 -16.32
CA ARG A 42 -13.14 -6.54 -15.92
C ARG A 42 -13.59 -6.14 -14.54
N HIS A 43 -12.65 -6.13 -13.57
CA HIS A 43 -12.97 -6.00 -12.17
C HIS A 43 -12.61 -4.79 -11.44
N PHE A 44 -11.72 -3.96 -11.98
CA PHE A 44 -11.17 -2.89 -11.23
C PHE A 44 -11.40 -1.55 -11.90
N ASN A 45 -11.57 -0.50 -11.11
CA ASN A 45 -11.67 0.88 -11.67
C ASN A 45 -10.73 1.86 -11.01
N SER A 46 -9.70 1.34 -10.35
CA SER A 46 -8.64 2.12 -9.76
C SER A 46 -7.37 1.29 -9.83
N ILE A 47 -6.26 1.98 -9.96
CA ILE A 47 -4.94 1.32 -10.09
C ILE A 47 -3.86 2.10 -9.38
N VAL A 48 -2.83 1.37 -8.95
CA VAL A 48 -1.71 1.87 -8.20
C VAL A 48 -0.49 1.08 -8.66
N ALA A 49 0.67 1.74 -8.66
CA ALA A 49 1.96 0.96 -8.86
C ALA A 49 2.46 0.30 -7.61
N GLU A 50 2.67 -1.03 -7.63
CA GLU A 50 3.24 -1.63 -6.52
C GLU A 50 4.64 -1.13 -6.20
N ASN A 51 5.45 -0.86 -7.24
CA ASN A 51 6.86 -0.47 -7.00
C ASN A 51 7.40 0.68 -7.83
N VAL A 52 6.92 0.86 -9.06
CA VAL A 52 7.66 1.69 -10.01
C VAL A 52 7.42 3.19 -9.81
N MET A 53 6.58 3.59 -8.85
CA MET A 53 6.47 5.00 -8.51
C MET A 53 7.12 5.38 -7.21
N LYS A 54 7.82 4.44 -6.59
CA LYS A 54 8.60 4.73 -5.39
C LYS A 54 9.80 5.64 -5.66
N PRO A 55 10.34 6.26 -4.62
CA PRO A 55 11.39 7.25 -4.88
C PRO A 55 12.60 6.71 -5.61
N ILE A 56 13.04 5.52 -5.28
CA ILE A 56 14.19 4.91 -5.93
C ILE A 56 13.91 4.48 -7.36
N SER A 57 12.65 4.19 -7.71
CA SER A 57 12.32 3.92 -9.12
C SER A 57 12.24 5.20 -9.97
N ILE A 58 11.73 6.28 -9.38
CA ILE A 58 11.52 7.54 -10.11
C ILE A 58 12.84 8.31 -10.21
N GLN A 59 13.59 8.46 -9.11
CA GLN A 59 14.83 9.28 -9.17
C GLN A 59 16.03 8.56 -8.60
N PRO A 60 16.50 7.51 -9.27
CA PRO A 60 17.52 6.70 -8.57
C PRO A 60 18.88 7.41 -8.41
N GLU A 61 19.11 8.47 -9.18
CA GLU A 61 20.29 9.34 -8.99
C GLU A 61 19.76 10.76 -9.18
N GLU A 62 20.36 11.73 -8.49
CA GLU A 62 19.81 13.08 -8.56
C GLU A 62 19.84 13.61 -10.00
N GLY A 63 18.68 14.04 -10.46
CA GLY A 63 18.49 14.54 -11.78
C GLY A 63 18.18 13.51 -12.84
N LYS A 64 18.19 12.25 -12.47
CA LYS A 64 17.91 11.20 -13.43
C LYS A 64 16.50 10.67 -13.07
N PHE A 65 15.53 10.99 -13.89
CA PHE A 65 14.15 10.64 -13.65
C PHE A 65 13.75 9.55 -14.62
N ASN A 66 13.21 8.46 -14.08
N ASN A 66 13.19 8.46 -14.11
CA ASN A 66 12.66 7.38 -14.88
CA ASN A 66 12.72 7.37 -14.96
C ASN A 66 11.13 7.41 -14.68
C ASN A 66 11.18 7.22 -14.84
N PHE A 67 10.43 7.97 -15.65
CA PHE A 67 8.98 7.95 -15.68
C PHE A 67 8.44 6.88 -16.66
N GLU A 68 9.31 6.16 -17.33
N GLU A 68 9.31 6.17 -17.37
CA GLU A 68 8.86 5.30 -18.41
CA GLU A 68 8.83 5.27 -18.43
C GLU A 68 7.90 4.19 -17.93
C GLU A 68 7.82 4.24 -17.88
N GLN A 69 8.17 3.62 -16.76
CA GLN A 69 7.34 2.51 -16.24
C GLN A 69 6.06 3.05 -15.63
N ALA A 70 6.13 4.18 -14.90
CA ALA A 70 4.95 4.85 -14.38
C ALA A 70 4.05 5.32 -15.48
N ASP A 71 4.63 5.87 -16.56
CA ASP A 71 3.86 6.33 -17.63
C ASP A 71 2.99 5.20 -18.24
N ARG A 72 3.50 4.00 -18.28
CA ARG A 72 2.70 2.89 -18.79
C ARG A 72 1.48 2.54 -17.95
N ILE A 73 1.59 2.61 -16.64
CA ILE A 73 0.43 2.50 -15.79
C ILE A 73 -0.58 3.59 -16.00
N VAL A 74 -0.11 4.83 -16.09
CA VAL A 74 -0.96 5.96 -16.31
C VAL A 74 -1.68 5.85 -17.62
N LYS A 75 -0.96 5.47 -18.67
CA LYS A 75 -1.58 5.31 -19.99
C LYS A 75 -2.70 4.22 -19.97
N PHE A 76 -2.40 3.10 -19.35
CA PHE A 76 -3.39 2.01 -19.27
C PHE A 76 -4.62 2.44 -18.50
N ALA A 77 -4.38 3.13 -17.37
CA ALA A 77 -5.46 3.65 -16.60
C ALA A 77 -6.35 4.59 -17.41
N LYS A 78 -5.74 5.55 -18.11
CA LYS A 78 -6.52 6.53 -18.89
C LYS A 78 -7.32 5.82 -19.97
N ALA A 79 -6.68 4.95 -20.72
CA ALA A 79 -7.38 4.21 -21.71
C ALA A 79 -8.54 3.38 -21.15
N ASN A 80 -8.52 2.98 -19.88
CA ASN A 80 -9.62 2.17 -19.32
C ASN A 80 -10.49 2.81 -18.30
N GLY A 81 -10.42 4.13 -18.20
CA GLY A 81 -11.30 4.95 -17.31
C GLY A 81 -11.01 4.65 -15.85
N MET A 82 -9.79 4.28 -15.49
CA MET A 82 -9.49 4.01 -14.05
C MET A 82 -8.97 5.23 -13.31
N ASP A 83 -9.35 5.43 -12.04
CA ASP A 83 -8.64 6.30 -11.15
C ASP A 83 -7.18 5.81 -10.96
N ILE A 84 -6.31 6.73 -10.65
CA ILE A 84 -4.90 6.36 -10.31
C ILE A 84 -4.56 6.86 -8.96
N ARG A 85 -3.85 6.04 -8.18
CA ARG A 85 -3.19 6.49 -7.00
C ARG A 85 -1.65 6.52 -7.20
N PHE A 86 -1.00 7.57 -6.69
CA PHE A 86 0.47 7.60 -6.65
C PHE A 86 1.10 7.04 -5.36
N HIS A 87 1.81 5.94 -5.48
CA HIS A 87 2.51 5.31 -4.37
C HIS A 87 3.99 5.34 -4.68
N THR A 88 4.79 6.18 -4.00
CA THR A 88 4.49 7.15 -2.95
C THR A 88 5.60 8.22 -3.04
N LEU A 89 5.33 9.45 -2.67
CA LEU A 89 6.34 10.53 -2.77
C LEU A 89 7.50 10.43 -1.85
N VAL A 90 7.29 9.94 -0.63
CA VAL A 90 8.26 9.98 0.48
C VAL A 90 8.12 8.71 1.34
N TRP A 91 9.21 7.98 1.46
CA TRP A 91 9.28 6.73 2.28
C TRP A 91 10.68 6.51 2.78
N HIS A 92 10.85 5.77 3.89
CA HIS A 92 12.22 5.48 4.40
C HIS A 92 12.81 4.25 3.80
N SER A 93 12.03 3.49 3.03
N SER A 93 12.05 3.54 2.94
CA SER A 93 12.47 2.16 2.64
CA SER A 93 12.57 2.38 2.20
C SER A 93 13.22 2.22 1.32
C SER A 93 12.32 2.61 0.69
N GLN A 94 14.47 1.76 1.39
N GLN A 94 13.02 1.85 -0.18
CA GLN A 94 15.46 1.93 0.33
CA GLN A 94 12.97 2.06 -1.61
C GLN A 94 14.99 3.11 -0.54
C GLN A 94 13.09 3.59 -1.94
N VAL A 95 15.14 4.32 -0.01
N VAL A 95 14.19 4.12 -1.42
CA VAL A 95 14.98 5.58 -0.77
CA VAL A 95 14.50 5.52 -1.46
C VAL A 95 16.26 5.54 -1.61
C VAL A 95 16.02 5.74 -1.57
N PRO A 96 16.43 6.42 -2.61
CA PRO A 96 17.86 6.45 -3.03
C PRO A 96 18.76 7.15 -1.94
N GLN A 97 19.92 6.58 -1.61
N GLN A 97 19.94 6.57 -1.74
CA GLN A 97 20.71 7.11 -0.51
CA GLN A 97 20.89 6.96 -0.73
C GLN A 97 21.22 8.54 -0.84
C GLN A 97 21.38 8.40 -0.90
N TRP A 98 21.33 8.91 -2.12
CA TRP A 98 21.91 10.27 -2.46
C TRP A 98 21.18 11.39 -1.80
N PHE A 99 19.89 11.17 -1.48
CA PHE A 99 19.18 12.22 -0.75
C PHE A 99 19.84 12.67 0.54
N PHE A 100 20.43 11.70 1.24
CA PHE A 100 20.86 11.87 2.65
C PHE A 100 22.39 12.05 2.78
N LEU A 101 23.04 12.35 1.66
CA LEU A 101 24.48 12.70 1.66
C LEU A 101 24.72 14.17 1.60
N ASP A 102 25.68 14.66 2.39
CA ASP A 102 25.98 16.07 2.43
C ASP A 102 26.81 16.48 1.23
N LYS A 103 27.13 17.77 1.17
CA LYS A 103 27.93 18.33 0.05
C LYS A 103 29.25 17.59 -0.21
N GLU A 104 29.83 16.94 0.80
CA GLU A 104 31.03 16.10 0.59
C GLU A 104 30.81 14.64 0.42
N GLY A 105 29.56 14.18 0.28
CA GLY A 105 29.35 12.75 0.12
C GLY A 105 29.29 11.97 1.44
N LYS A 106 29.31 12.67 2.57
CA LYS A 106 29.26 12.00 3.87
C LYS A 106 27.80 11.87 4.31
N PRO A 107 27.47 10.78 5.00
CA PRO A 107 26.07 10.73 5.49
C PRO A 107 25.70 11.93 6.36
N MET A 108 24.57 12.56 6.10
CA MET A 108 24.11 13.69 6.89
C MET A 108 23.73 13.31 8.32
N VAL A 109 23.30 12.06 8.55
CA VAL A 109 22.93 11.67 9.91
C VAL A 109 24.15 11.74 10.86
N ASN A 110 25.37 11.64 10.33
CA ASN A 110 26.62 11.78 11.11
C ASN A 110 27.03 13.22 11.49
N GLU A 111 26.55 14.25 10.84
CA GLU A 111 27.00 15.60 11.17
C GLU A 111 26.66 16.01 12.62
N THR A 112 27.66 16.58 13.31
CA THR A 112 27.56 17.00 14.73
C THR A 112 27.45 18.52 14.87
N ASP A 113 28.05 19.24 13.94
CA ASP A 113 28.03 20.67 14.03
C ASP A 113 26.61 21.16 13.70
N PRO A 114 25.95 21.87 14.65
CA PRO A 114 24.60 22.40 14.50
C PRO A 114 24.31 23.29 13.28
N VAL A 115 25.25 24.14 12.88
CA VAL A 115 25.06 25.01 11.72
C VAL A 115 25.08 24.16 10.44
N LYS A 116 25.94 23.15 10.42
CA LYS A 116 26.04 22.25 9.29
C LYS A 116 24.82 21.33 9.25
N ARG A 117 24.27 20.98 10.41
CA ARG A 117 23.09 20.12 10.47
C ARG A 117 21.93 20.91 9.91
N GLU A 118 21.89 22.19 10.21
CA GLU A 118 20.84 23.00 9.72
C GLU A 118 21.01 23.20 8.21
N GLN A 119 22.22 23.34 7.72
CA GLN A 119 22.35 23.44 6.26
C GLN A 119 21.90 22.14 5.59
N ASN A 120 22.19 21.02 6.22
CA ASN A 120 21.83 19.72 5.65
C ASN A 120 20.31 19.60 5.61
N LYS A 121 19.66 20.10 6.66
CA LYS A 121 18.23 20.06 6.72
C LYS A 121 17.67 20.80 5.54
N GLN A 122 18.17 21.99 5.33
CA GLN A 122 17.66 22.79 4.25
C GLN A 122 17.94 22.18 2.91
N LEU A 123 19.14 21.62 2.74
CA LEU A 123 19.44 20.95 1.54
C LEU A 123 18.51 19.69 1.29
N LEU A 124 18.25 18.90 2.30
CA LEU A 124 17.41 17.72 2.10
C LEU A 124 16.01 18.18 1.72
N LEU A 125 15.53 19.23 2.35
CA LEU A 125 14.22 19.71 2.11
C LEU A 125 14.05 20.27 0.69
N LYS A 126 15.10 20.93 0.19
CA LYS A 126 15.10 21.39 -1.20
C LYS A 126 15.06 20.20 -2.15
N ARG A 127 15.86 19.20 -1.85
CA ARG A 127 15.83 18.01 -2.68
C ARG A 127 14.41 17.32 -2.72
N LEU A 128 13.84 17.18 -1.56
CA LEU A 128 12.47 16.67 -1.41
C LEU A 128 11.49 17.46 -2.23
N GLU A 129 11.57 18.80 -2.12
CA GLU A 129 10.69 19.65 -2.92
C GLU A 129 10.86 19.46 -4.42
N THR A 130 12.11 19.37 -4.89
CA THR A 130 12.32 19.15 -6.30
C THR A 130 11.82 17.76 -6.80
N HIS A 131 12.01 16.74 -6.01
CA HIS A 131 11.49 15.39 -6.36
C HIS A 131 9.97 15.46 -6.52
N ILE A 132 9.30 16.04 -5.58
CA ILE A 132 7.84 16.16 -5.60
C ILE A 132 7.36 17.01 -6.70
N LYS A 133 8.02 18.18 -6.86
CA LYS A 133 7.66 19.08 -7.92
C LYS A 133 7.69 18.44 -9.27
N THR A 134 8.77 17.74 -9.56
CA THR A 134 8.94 17.18 -10.87
C THR A 134 7.86 16.13 -11.17
N ILE A 135 7.58 15.32 -10.18
CA ILE A 135 6.57 14.25 -10.30
C ILE A 135 5.15 14.84 -10.45
N VAL A 136 4.77 15.74 -9.57
CA VAL A 136 3.44 16.26 -9.59
C VAL A 136 3.23 17.15 -10.80
N GLU A 137 4.26 17.89 -11.23
CA GLU A 137 4.10 18.68 -12.50
C GLU A 137 3.84 17.78 -13.66
N ARG A 138 4.36 16.55 -13.68
CA ARG A 138 4.14 15.71 -14.81
C ARG A 138 2.68 15.04 -14.70
N TYR A 139 2.21 14.68 -13.51
CA TYR A 139 0.99 13.84 -13.40
C TYR A 139 -0.22 14.45 -12.79
N LYS A 140 -0.13 15.71 -12.42
CA LYS A 140 -1.23 16.41 -11.73
C LYS A 140 -2.60 16.39 -12.45
N ASP A 141 -2.66 16.34 -13.77
CA ASP A 141 -3.91 16.26 -14.48
C ASP A 141 -4.37 14.82 -14.65
N ASP A 142 -3.58 13.83 -14.28
CA ASP A 142 -3.93 12.41 -14.59
C ASP A 142 -4.23 11.63 -13.28
N ILE A 143 -3.52 11.99 -12.21
CA ILE A 143 -3.48 11.19 -10.98
C ILE A 143 -4.20 11.97 -9.89
N LYS A 144 -5.32 11.41 -9.44
CA LYS A 144 -6.17 12.12 -8.47
C LYS A 144 -5.71 11.97 -7.04
N TYR A 145 -5.20 10.79 -6.66
CA TYR A 145 -4.95 10.44 -5.25
C TYR A 145 -3.45 10.19 -5.08
N TRP A 146 -2.88 10.76 -4.03
CA TRP A 146 -1.44 10.75 -3.79
C TRP A 146 -1.09 10.27 -2.43
N ASP A 147 -0.32 9.17 -2.30
CA ASP A 147 0.39 8.86 -1.03
C ASP A 147 1.60 9.83 -0.89
N VAL A 148 1.43 10.91 -0.15
CA VAL A 148 2.48 11.91 -0.02
C VAL A 148 3.59 11.45 0.89
N VAL A 149 3.21 10.94 2.06
CA VAL A 149 4.17 10.27 2.93
C VAL A 149 3.64 8.91 3.33
N ASN A 150 4.58 8.02 3.51
CA ASN A 150 4.29 6.60 3.81
C ASN A 150 5.07 6.20 5.08
N GLN A 151 4.34 5.65 6.06
CA GLN A 151 4.90 5.02 7.21
C GLN A 151 5.74 5.95 8.07
N VAL A 152 5.21 7.13 8.37
CA VAL A 152 6.05 8.10 9.08
C VAL A 152 5.90 8.03 10.59
N VAL A 153 4.92 7.27 11.06
CA VAL A 153 4.77 7.01 12.51
C VAL A 153 5.29 5.63 12.85
N GLY A 154 6.09 5.54 13.91
CA GLY A 154 6.60 4.27 14.41
C GLY A 154 5.53 3.42 15.15
N ASP A 155 5.80 2.12 15.20
CA ASP A 155 4.96 1.15 15.92
C ASP A 155 4.96 1.39 17.46
N ASP A 156 6.02 2.03 17.96
CA ASP A 156 6.09 2.49 19.35
C ASP A 156 5.32 3.77 19.59
N GLY A 157 4.66 4.31 18.59
CA GLY A 157 3.90 5.53 18.80
C GLY A 157 4.72 6.81 18.72
N LYS A 158 5.99 6.72 18.41
CA LYS A 158 6.80 7.91 18.20
C LYS A 158 6.95 8.12 16.67
N LEU A 159 7.28 9.33 16.18
CA LEU A 159 7.59 9.52 14.74
C LEU A 159 8.67 8.56 14.41
N ARG A 160 8.58 7.88 13.26
CA ARG A 160 9.59 6.95 12.83
C ARG A 160 10.91 7.70 12.67
N ASN A 161 11.98 7.14 13.21
CA ASN A 161 13.24 7.88 13.31
C ASN A 161 14.06 7.52 12.12
N SER A 162 13.49 7.73 10.93
CA SER A 162 14.22 7.46 9.72
C SER A 162 15.24 8.64 9.46
N PRO A 163 16.11 8.46 8.48
CA PRO A 163 16.98 9.61 8.10
C PRO A 163 16.23 10.88 7.78
N TRP A 164 15.04 10.79 7.16
CA TRP A 164 14.20 11.99 6.96
C TRP A 164 14.01 12.72 8.27
N TYR A 165 13.64 11.94 9.29
CA TYR A 165 13.25 12.56 10.54
C TYR A 165 14.54 13.01 11.28
N GLN A 166 15.56 12.20 11.24
CA GLN A 166 16.81 12.53 11.95
C GLN A 166 17.43 13.80 11.37
N ILE A 167 17.32 14.02 10.06
CA ILE A 167 17.95 15.17 9.42
C ILE A 167 17.09 16.42 9.42
N ALA A 168 15.79 16.27 9.28
CA ALA A 168 14.97 17.38 9.05
C ALA A 168 13.89 17.58 10.09
N GLY A 169 13.71 16.59 10.97
CA GLY A 169 12.64 16.64 11.93
C GLY A 169 11.30 16.62 11.22
N ILE A 170 10.29 17.14 11.87
CA ILE A 170 8.91 17.01 11.42
C ILE A 170 8.64 17.83 10.15
N ASP A 171 9.45 18.85 9.89
CA ASP A 171 9.23 19.70 8.72
C ASP A 171 9.23 18.85 7.38
N TYR A 172 9.86 17.68 7.34
CA TYR A 172 9.87 16.89 6.04
C TYR A 172 8.47 16.50 5.67
N ILE A 173 7.64 16.23 6.67
CA ILE A 173 6.25 15.86 6.40
C ILE A 173 5.47 17.06 5.92
N LYS A 174 5.65 18.18 6.60
CA LYS A 174 4.98 19.42 6.24
C LYS A 174 5.34 19.87 4.85
N VAL A 175 6.60 19.83 4.54
CA VAL A 175 7.12 20.25 3.23
C VAL A 175 6.61 19.34 2.12
N ALA A 176 6.59 18.02 2.36
CA ALA A 176 6.04 17.10 1.37
C ALA A 176 4.64 17.47 0.99
N PHE A 177 3.76 17.61 1.96
CA PHE A 177 2.37 17.97 1.62
C PHE A 177 2.23 19.36 1.01
N GLN A 178 2.98 20.32 1.54
CA GLN A 178 2.89 21.70 0.95
C GLN A 178 3.35 21.77 -0.50
N ALA A 179 4.46 21.10 -0.79
CA ALA A 179 4.91 20.97 -2.14
C ALA A 179 3.90 20.30 -3.07
N ALA A 180 3.32 19.18 -2.64
CA ALA A 180 2.36 18.50 -3.52
C ALA A 180 1.21 19.41 -3.82
N ARG A 181 0.73 20.13 -2.83
CA ARG A 181 -0.36 21.06 -3.08
C ARG A 181 0.00 22.26 -3.95
N LYS A 182 1.15 22.83 -3.71
CA LYS A 182 1.65 23.96 -4.52
C LYS A 182 1.78 23.61 -6.02
N TYR A 183 2.42 22.49 -6.37
CA TYR A 183 2.58 22.10 -7.76
C TYR A 183 1.43 21.36 -8.38
N GLY A 184 0.57 20.77 -7.55
CA GLY A 184 -0.52 19.99 -8.08
C GLY A 184 -1.86 20.68 -8.06
N GLY A 185 -1.98 21.73 -7.27
CA GLY A 185 -3.27 22.44 -7.18
C GLY A 185 -4.25 21.80 -6.24
N ASP A 186 -5.43 22.37 -6.21
CA ASP A 186 -6.43 22.03 -5.24
C ASP A 186 -7.19 20.73 -5.54
N ASN A 187 -7.13 20.26 -6.77
CA ASN A 187 -7.92 19.12 -7.13
C ASN A 187 -7.27 17.74 -6.91
N ILE A 188 -5.99 17.68 -6.52
CA ILE A 188 -5.41 16.38 -6.21
C ILE A 188 -5.65 16.19 -4.74
N LYS A 189 -5.76 14.92 -4.31
CA LYS A 189 -6.08 14.61 -2.95
C LYS A 189 -4.91 13.96 -2.33
N LEU A 190 -4.54 14.46 -1.14
CA LEU A 190 -3.26 14.10 -0.48
C LEU A 190 -3.43 13.27 0.77
N TYR A 191 -2.74 12.15 0.82
CA TYR A 191 -2.84 11.18 1.88
C TYR A 191 -1.59 10.91 2.63
N MET A 192 -1.77 10.62 3.91
CA MET A 192 -0.77 9.98 4.73
C MET A 192 -1.15 8.51 4.83
N ASN A 193 -0.19 7.63 4.54
CA ASN A 193 -0.46 6.16 4.39
C ASN A 193 0.37 5.43 5.44
N ASP A 194 -0.21 4.39 6.05
CA ASP A 194 0.47 3.64 7.07
C ASP A 194 -0.19 2.27 7.32
N TYR A 195 0.56 1.37 7.93
CA TYR A 195 0.07 0.01 8.31
C TYR A 195 -0.18 -0.02 9.79
N ASN A 196 -1.01 -0.95 10.24
CA ASN A 196 -1.38 -1.08 11.66
C ASN A 196 -1.94 0.23 12.19
N THR A 197 -2.68 0.90 11.36
CA THR A 197 -3.41 2.07 11.76
C THR A 197 -4.47 1.87 12.80
N GLU A 198 -4.89 0.62 12.97
CA GLU A 198 -5.87 0.18 13.94
C GLU A 198 -5.27 -0.08 15.32
N VAL A 199 -3.94 -0.03 15.45
CA VAL A 199 -3.24 -0.58 16.61
C VAL A 199 -2.63 0.51 17.49
N GLU A 200 -2.86 0.44 18.80
CA GLU A 200 -2.21 1.40 19.73
C GLU A 200 -0.79 0.99 20.14
N PRO A 201 0.02 2.00 20.41
CA PRO A 201 -0.20 3.46 20.44
C PRO A 201 -0.05 4.18 19.03
N LYS A 202 0.21 3.40 17.97
CA LYS A 202 0.35 4.01 16.60
C LYS A 202 -0.88 4.81 16.19
N ARG A 203 -2.05 4.23 16.39
CA ARG A 203 -3.27 4.84 15.97
C ARG A 203 -3.47 6.26 16.54
N THR A 204 -3.31 6.41 17.87
CA THR A 204 -3.51 7.75 18.48
C THR A 204 -2.36 8.70 18.11
N ALA A 205 -1.14 8.19 18.00
CA ALA A 205 0.00 8.98 17.53
C ALA A 205 -0.27 9.51 16.10
N LEU A 206 -0.82 8.67 15.24
CA LEU A 206 -1.24 9.16 13.91
C LEU A 206 -2.35 10.19 13.96
N TYR A 207 -3.39 9.92 14.74
CA TYR A 207 -4.47 10.90 14.89
C TYR A 207 -3.96 12.27 15.43
N ASN A 208 -3.16 12.23 16.48
CA ASN A 208 -2.61 13.46 17.02
C ASN A 208 -1.70 14.18 16.01
N LEU A 209 -0.88 13.42 15.29
CA LEU A 209 -0.01 14.05 14.27
C LEU A 209 -0.86 14.75 13.21
N VAL A 210 -1.84 14.04 12.66
N VAL A 210 -1.85 14.05 12.66
CA VAL A 210 -2.61 14.63 11.57
CA VAL A 210 -2.61 14.67 11.56
C VAL A 210 -3.44 15.83 12.07
C VAL A 210 -3.48 15.83 12.05
N LYS A 211 -3.96 15.74 13.28
CA LYS A 211 -4.77 16.82 13.81
C LYS A 211 -3.94 18.09 13.95
N GLN A 212 -2.71 17.93 14.44
CA GLN A 212 -1.77 19.04 14.61
C GLN A 212 -1.42 19.63 13.26
N LEU A 213 -1.06 18.77 12.31
CA LEU A 213 -0.69 19.26 10.98
C LEU A 213 -1.81 20.04 10.35
N LYS A 214 -3.02 19.54 10.44
CA LYS A 214 -4.12 20.28 9.86
C LYS A 214 -4.35 21.61 10.58
N GLU A 215 -4.19 21.60 11.90
CA GLU A 215 -4.36 22.82 12.69
C GLU A 215 -3.37 23.86 12.23
N GLU A 216 -2.24 23.43 11.83
CA GLU A 216 -1.23 24.33 11.33
C GLU A 216 -1.33 24.71 9.85
N GLY A 217 -2.46 24.35 9.17
CA GLY A 217 -2.71 24.57 7.74
C GLY A 217 -1.94 23.66 6.74
N VAL A 218 -1.33 22.55 7.19
CA VAL A 218 -0.67 21.59 6.25
C VAL A 218 -1.80 20.88 5.49
N PRO A 219 -1.76 20.83 4.13
CA PRO A 219 -2.89 20.26 3.41
C PRO A 219 -2.91 18.67 3.40
N ILE A 220 -3.76 18.07 4.19
CA ILE A 220 -3.91 16.57 4.23
C ILE A 220 -5.38 16.34 4.04
N ASP A 221 -5.73 15.57 3.02
CA ASP A 221 -7.14 15.26 2.68
C ASP A 221 -7.53 13.91 3.28
N GLY A 222 -6.59 13.05 3.56
CA GLY A 222 -7.01 11.68 3.98
C GLY A 222 -5.93 10.82 4.55
N ILE A 223 -6.36 9.64 5.02
CA ILE A 223 -5.49 8.61 5.52
C ILE A 223 -5.63 7.34 4.67
N GLY A 224 -4.50 6.73 4.32
CA GLY A 224 -4.48 5.44 3.66
C GLY A 224 -4.14 4.38 4.68
N HIS A 225 -5.05 3.45 4.88
CA HIS A 225 -4.91 2.30 5.78
C HIS A 225 -4.42 1.14 4.95
N GLN A 226 -3.14 0.81 5.04
CA GLN A 226 -2.57 -0.18 4.19
C GLN A 226 -3.29 -1.52 4.31
N SER A 227 -3.76 -1.84 5.48
CA SER A 227 -4.58 -3.04 5.65
C SER A 227 -3.92 -4.34 5.22
N HIS A 228 -2.66 -4.53 5.64
CA HIS A 228 -2.01 -5.85 5.52
C HIS A 228 -2.41 -6.67 6.74
N ILE A 229 -3.50 -7.39 6.64
CA ILE A 229 -4.12 -7.98 7.81
C ILE A 229 -4.22 -9.49 7.69
N GLN A 230 -4.79 -10.09 8.73
CA GLN A 230 -4.90 -11.53 8.89
C GLN A 230 -6.31 -11.91 8.97
N ILE A 231 -6.54 -13.24 9.01
CA ILE A 231 -7.91 -13.76 9.13
C ILE A 231 -8.63 -13.25 10.43
N GLY A 232 -7.94 -13.28 11.57
CA GLY A 232 -8.55 -12.94 12.86
C GLY A 232 -8.05 -11.64 13.52
N TRP A 233 -7.22 -10.84 12.87
CA TRP A 233 -6.60 -9.68 13.49
C TRP A 233 -6.30 -8.67 12.38
N PRO A 234 -6.59 -7.38 12.58
CA PRO A 234 -7.27 -6.75 13.72
C PRO A 234 -8.75 -7.02 13.61
N SER A 235 -9.48 -6.86 14.69
CA SER A 235 -10.93 -7.07 14.69
C SER A 235 -11.63 -6.05 13.83
N GLU A 236 -12.80 -6.44 13.36
CA GLU A 236 -13.67 -5.48 12.69
C GLU A 236 -14.09 -4.31 13.58
N ALA A 237 -14.30 -4.56 14.87
CA ALA A 237 -14.66 -3.45 15.75
C ALA A 237 -13.50 -2.47 15.78
N GLU A 238 -12.26 -2.95 15.78
CA GLU A 238 -11.15 -1.98 15.87
C GLU A 238 -10.92 -1.20 14.56
N ILE A 239 -11.15 -1.88 13.44
CA ILE A 239 -11.16 -1.24 12.11
C ILE A 239 -12.21 -0.15 12.08
N GLU A 240 -13.42 -0.49 12.53
CA GLU A 240 -14.48 0.48 12.55
C GLU A 240 -14.16 1.74 13.35
N LYS A 241 -13.54 1.56 14.53
CA LYS A 241 -13.23 2.62 15.41
C LYS A 241 -12.17 3.51 14.76
N THR A 242 -11.21 2.88 14.07
CA THR A 242 -10.12 3.63 13.45
C THR A 242 -10.68 4.54 12.37
N ILE A 243 -11.47 3.94 11.51
CA ILE A 243 -12.04 4.67 10.39
C ILE A 243 -12.86 5.84 10.89
N ASN A 244 -13.69 5.57 11.88
CA ASN A 244 -14.55 6.62 12.40
C ASN A 244 -13.74 7.74 13.01
N MET A 245 -12.68 7.39 13.71
CA MET A 245 -11.95 8.45 14.37
C MET A 245 -11.27 9.39 13.37
N PHE A 246 -10.74 8.88 12.23
CA PHE A 246 -10.16 9.80 11.29
C PHE A 246 -11.20 10.53 10.52
N ALA A 247 -12.31 9.88 10.25
CA ALA A 247 -13.31 10.57 9.50
C ALA A 247 -13.87 11.76 10.35
N ALA A 248 -13.81 11.64 11.67
CA ALA A 248 -14.30 12.72 12.53
C ALA A 248 -13.35 13.90 12.44
N LEU A 249 -12.09 13.72 12.02
CA LEU A 249 -11.23 14.88 11.73
C LEU A 249 -11.51 15.54 10.39
N GLY A 250 -12.54 15.11 9.67
CA GLY A 250 -12.79 15.55 8.32
C GLY A 250 -11.89 14.88 7.24
N LEU A 251 -11.19 13.80 7.56
CA LEU A 251 -10.34 13.10 6.59
C LEU A 251 -11.09 12.02 5.78
N ASP A 252 -10.80 11.89 4.48
CA ASP A 252 -11.18 10.68 3.71
C ASP A 252 -10.34 9.48 4.22
N ASN A 253 -10.87 8.28 4.06
CA ASN A 253 -10.15 7.07 4.34
C ASN A 253 -10.09 6.25 3.03
N GLN A 254 -8.91 5.70 2.71
CA GLN A 254 -8.81 4.71 1.66
C GLN A 254 -8.20 3.50 2.26
N ILE A 255 -8.68 2.36 1.82
CA ILE A 255 -8.05 1.08 2.15
C ILE A 255 -7.06 0.85 1.04
N THR A 256 -5.77 1.01 1.30
CA THR A 256 -4.82 1.15 0.18
C THR A 256 -4.03 -0.04 -0.29
N GLU A 257 -3.82 -1.06 0.56
CA GLU A 257 -2.96 -2.18 0.23
C GLU A 257 -3.54 -3.48 0.79
N LEU A 258 -4.84 -3.65 0.60
CA LEU A 258 -5.52 -4.74 1.30
C LEU A 258 -5.05 -6.10 0.84
N ASP A 259 -4.69 -6.92 1.80
CA ASP A 259 -4.55 -8.31 1.56
C ASP A 259 -4.89 -9.02 2.87
N VAL A 260 -5.43 -10.24 2.75
CA VAL A 260 -5.76 -11.05 3.92
C VAL A 260 -4.95 -12.32 3.94
N SER A 261 -3.85 -12.29 4.67
CA SER A 261 -2.91 -13.43 4.73
C SER A 261 -3.59 -14.65 5.34
N MET A 262 -3.17 -15.80 4.87
CA MET A 262 -3.57 -17.08 5.47
C MET A 262 -2.89 -17.28 6.80
N TYR A 263 -1.85 -16.51 7.09
CA TYR A 263 -0.99 -16.78 8.27
C TYR A 263 -1.04 -15.71 9.36
N GLY A 264 -0.33 -16.00 10.44
CA GLY A 264 -0.10 -15.10 11.54
C GLY A 264 1.16 -14.27 11.38
N TRP A 265 1.79 -13.91 12.51
CA TRP A 265 2.98 -13.04 12.44
C TRP A 265 3.90 -13.44 13.61
N PRO A 266 5.16 -13.88 13.37
CA PRO A 266 5.79 -14.18 12.10
C PRO A 266 5.08 -15.34 11.39
N PRO A 267 4.91 -15.26 10.05
CA PRO A 267 4.10 -16.27 9.42
C PRO A 267 4.84 -17.63 9.34
N ARG A 268 4.07 -18.70 9.53
CA ARG A 268 4.58 -20.08 9.25
C ARG A 268 3.76 -20.60 8.06
N ALA A 269 4.36 -20.48 6.91
CA ALA A 269 3.61 -20.76 5.69
C ALA A 269 3.66 -22.19 5.19
N TYR A 270 2.69 -22.51 4.34
CA TYR A 270 2.74 -23.71 3.53
C TYR A 270 3.67 -23.48 2.40
N PRO A 271 4.29 -24.56 1.93
CA PRO A 271 5.33 -24.37 0.95
C PRO A 271 4.81 -24.14 -0.45
N THR A 272 3.58 -24.53 -0.71
CA THR A 272 2.99 -24.36 -2.04
C THR A 272 1.53 -23.98 -1.82
N TYR A 273 0.89 -23.50 -2.87
CA TYR A 273 -0.53 -23.23 -2.80
C TYR A 273 -1.38 -24.48 -2.58
N ASP A 274 -0.98 -25.53 -3.24
CA ASP A 274 -1.63 -26.84 -3.18
C ASP A 274 -1.80 -27.39 -1.78
N ALA A 275 -0.83 -27.09 -0.92
CA ALA A 275 -0.84 -27.55 0.45
C ALA A 275 -1.73 -26.81 1.42
N ILE A 276 -2.30 -25.66 1.00
CA ILE A 276 -3.10 -24.86 1.90
C ILE A 276 -4.46 -25.59 2.03
N PRO A 277 -4.89 -25.93 3.24
CA PRO A 277 -6.10 -26.70 3.31
C PRO A 277 -7.37 -25.88 2.94
N LYS A 278 -8.35 -26.59 2.46
CA LYS A 278 -9.61 -26.00 2.02
C LYS A 278 -10.24 -25.16 3.10
N GLN A 279 -10.13 -25.60 4.36
CA GLN A 279 -10.82 -24.85 5.39
C GLN A 279 -10.25 -23.40 5.54
N LYS A 280 -8.98 -23.22 5.24
CA LYS A 280 -8.36 -21.88 5.30
C LYS A 280 -9.09 -20.87 4.35
N PHE A 281 -9.55 -21.33 3.21
CA PHE A 281 -10.20 -20.54 2.20
C PHE A 281 -11.58 -20.16 2.71
N LEU A 282 -12.20 -21.03 3.51
CA LEU A 282 -13.51 -20.76 4.07
C LEU A 282 -13.40 -19.80 5.23
N ASP A 283 -12.37 -19.91 6.08
CA ASP A 283 -12.12 -18.98 7.15
C ASP A 283 -11.81 -17.59 6.53
N GLN A 284 -11.00 -17.60 5.49
CA GLN A 284 -10.75 -16.34 4.71
C GLN A 284 -11.99 -15.72 4.14
N ALA A 285 -12.86 -16.53 3.59
CA ALA A 285 -14.07 -16.02 2.99
C ALA A 285 -14.92 -15.35 4.09
N ALA A 286 -15.07 -15.99 5.27
CA ALA A 286 -15.88 -15.36 6.32
C ALA A 286 -15.30 -13.99 6.79
N ARG A 287 -13.98 -13.91 6.92
CA ARG A 287 -13.30 -12.65 7.14
C ARG A 287 -13.62 -11.61 6.09
N TYR A 288 -13.46 -11.95 4.82
CA TYR A 288 -13.79 -10.99 3.75
C TYR A 288 -15.25 -10.60 3.80
N ASP A 289 -16.15 -11.55 4.05
CA ASP A 289 -17.59 -11.21 4.26
C ASP A 289 -17.83 -10.14 5.28
N ARG A 290 -17.25 -10.31 6.47
CA ARG A 290 -17.36 -9.35 7.55
C ARG A 290 -16.69 -8.01 7.24
N LEU A 291 -15.53 -8.08 6.60
CA LEU A 291 -14.78 -6.87 6.30
C LEU A 291 -15.50 -5.99 5.28
N PHE A 292 -15.97 -6.59 4.19
CA PHE A 292 -16.67 -5.79 3.18
C PHE A 292 -18.05 -5.32 3.66
N LYS A 293 -18.68 -6.09 4.52
CA LYS A 293 -19.93 -5.55 5.13
C LYS A 293 -19.62 -4.31 5.92
N LEU A 294 -18.51 -4.34 6.64
CA LEU A 294 -18.08 -3.17 7.35
C LEU A 294 -17.71 -1.98 6.45
N TYR A 295 -16.90 -2.22 5.43
CA TYR A 295 -16.61 -1.13 4.50
C TYR A 295 -17.87 -0.52 3.89
N GLU A 296 -18.82 -1.38 3.52
CA GLU A 296 -20.11 -0.88 3.09
C GLU A 296 -20.84 -0.04 4.16
N LYS A 297 -20.84 -0.48 5.42
CA LYS A 297 -21.46 0.28 6.48
C LYS A 297 -20.79 1.65 6.53
N LEU A 298 -19.49 1.71 6.27
CA LEU A 298 -18.83 2.98 6.36
C LEU A 298 -18.54 3.66 5.02
N SER A 299 -19.36 3.34 4.01
CA SER A 299 -19.02 3.72 2.65
C SER A 299 -19.01 5.22 2.47
N ASP A 300 -19.66 5.95 3.37
CA ASP A 300 -19.67 7.42 3.22
C ASP A 300 -18.33 8.03 3.75
N LYS A 301 -17.46 7.22 4.33
CA LYS A 301 -16.18 7.64 4.87
C LYS A 301 -14.97 7.05 4.13
N ILE A 302 -15.25 6.21 3.16
CA ILE A 302 -14.25 5.45 2.39
C ILE A 302 -14.49 5.64 0.91
N SER A 303 -13.49 6.17 0.20
CA SER A 303 -13.62 6.46 -1.25
C SER A 303 -13.06 5.36 -2.14
N ASN A 304 -12.21 4.52 -1.56
CA ASN A 304 -11.49 3.48 -2.28
C ASN A 304 -11.04 2.33 -1.40
N VAL A 305 -11.14 1.16 -1.99
CA VAL A 305 -10.59 -0.12 -1.46
C VAL A 305 -9.73 -0.73 -2.57
N THR A 306 -8.44 -0.80 -2.33
CA THR A 306 -7.45 -1.29 -3.27
C THR A 306 -6.79 -2.53 -2.71
N PHE A 307 -6.78 -3.59 -3.49
CA PHE A 307 -6.05 -4.85 -3.16
C PHE A 307 -4.61 -4.72 -3.56
N TRP A 308 -3.69 -5.28 -2.79
CA TRP A 308 -2.28 -5.15 -3.11
C TRP A 308 -1.80 -6.29 -4.03
N GLY A 309 -2.49 -6.37 -5.15
CA GLY A 309 -2.23 -7.30 -6.26
C GLY A 309 -3.51 -7.61 -6.96
N ILE A 310 -3.42 -8.49 -7.95
CA ILE A 310 -4.55 -8.89 -8.80
C ILE A 310 -5.17 -10.27 -8.42
N ALA A 311 -4.32 -11.28 -8.48
CA ALA A 311 -4.69 -12.67 -8.19
C ALA A 311 -3.60 -13.38 -7.47
N ASP A 312 -3.94 -14.52 -6.85
CA ASP A 312 -3.03 -15.14 -5.88
C ASP A 312 -1.68 -15.64 -6.47
N ASN A 313 -1.53 -15.69 -7.79
CA ASN A 313 -0.25 -16.04 -8.39
C ASN A 313 0.81 -14.97 -8.20
N HIS A 314 0.47 -13.75 -7.75
CA HIS A 314 1.50 -12.75 -7.50
C HIS A 314 1.12 -11.87 -6.31
N THR A 315 1.86 -11.98 -5.22
CA THR A 315 1.64 -11.25 -3.98
C THR A 315 3.01 -11.10 -3.30
N TRP A 316 3.32 -9.90 -2.87
CA TRP A 316 4.51 -9.63 -2.03
C TRP A 316 4.48 -10.41 -0.74
N LEU A 317 3.30 -10.88 -0.28
CA LEU A 317 3.24 -11.75 0.91
C LEU A 317 4.08 -13.03 0.77
N ASP A 318 4.36 -13.46 -0.42
CA ASP A 318 5.22 -14.65 -0.64
C ASP A 318 6.61 -14.39 -0.11
N SER A 319 7.05 -13.11 -0.09
CA SER A 319 8.39 -12.78 0.33
C SER A 319 8.50 -12.92 1.87
N ARG A 320 7.36 -13.01 2.56
CA ARG A 320 7.28 -13.14 4.01
C ARG A 320 6.83 -14.58 4.38
N ALA A 321 6.54 -15.40 3.38
CA ALA A 321 5.97 -16.73 3.66
C ALA A 321 7.09 -17.71 3.96
N ASP A 322 7.58 -17.64 5.20
CA ASP A 322 8.67 -18.47 5.66
C ASP A 322 8.12 -19.86 5.91
N VAL A 323 8.86 -20.89 5.55
CA VAL A 323 8.42 -22.27 5.67
C VAL A 323 9.32 -22.93 6.70
N TYR A 324 8.68 -23.44 7.74
CA TYR A 324 9.33 -24.02 8.88
C TYR A 324 9.30 -25.53 8.71
N TYR A 325 10.45 -26.18 8.98
CA TYR A 325 10.57 -27.65 8.87
C TYR A 325 11.05 -28.28 10.16
N ASP A 326 10.41 -29.36 10.58
CA ASP A 326 10.90 -30.14 11.68
C ASP A 326 12.13 -31.00 11.29
N ALA A 327 12.69 -31.70 12.27
CA ALA A 327 13.92 -32.50 12.11
C ALA A 327 13.77 -33.62 11.05
N ASN A 328 12.55 -34.10 10.85
CA ASN A 328 12.25 -35.06 9.80
C ASN A 328 11.87 -34.47 8.46
N GLY A 329 11.98 -33.15 8.30
CA GLY A 329 11.70 -32.48 7.06
C GLY A 329 10.23 -32.29 6.76
N ASN A 330 9.33 -32.49 7.72
CA ASN A 330 7.92 -32.14 7.58
C ASN A 330 7.68 -30.66 7.90
N VAL A 331 6.73 -30.10 7.19
CA VAL A 331 6.41 -28.69 7.26
C VAL A 331 5.73 -28.41 8.59
N VAL A 332 6.11 -27.33 9.26
CA VAL A 332 5.41 -26.96 10.51
C VAL A 332 4.67 -25.62 10.39
N VAL A 333 3.37 -25.61 10.63
CA VAL A 333 2.57 -24.38 10.48
C VAL A 333 1.98 -23.93 11.80
N ASP A 334 1.94 -24.80 12.81
CA ASP A 334 1.55 -24.38 14.19
C ASP A 334 2.55 -23.44 14.78
N PRO A 335 2.13 -22.24 15.20
CA PRO A 335 3.04 -21.17 15.71
C PRO A 335 3.84 -21.58 16.95
N ASN A 336 3.35 -22.52 17.72
CA ASN A 336 4.17 -22.87 18.89
C ASN A 336 5.08 -24.06 18.79
N ALA A 337 4.97 -24.77 17.70
CA ALA A 337 5.46 -26.12 17.66
C ALA A 337 6.96 -26.15 17.39
N PRO A 338 7.57 -27.28 17.72
CA PRO A 338 8.98 -27.52 17.41
C PRO A 338 9.28 -27.45 15.91
N TYR A 339 10.50 -27.04 15.61
CA TYR A 339 11.04 -27.03 14.30
C TYR A 339 12.56 -26.93 14.35
N ALA A 340 13.20 -27.25 13.24
CA ALA A 340 14.65 -27.28 13.18
C ALA A 340 15.21 -26.23 12.31
N LYS A 341 14.56 -25.95 11.17
CA LYS A 341 15.02 -24.88 10.32
C LYS A 341 13.87 -24.17 9.60
N VAL A 342 14.22 -23.02 9.06
CA VAL A 342 13.27 -22.15 8.41
C VAL A 342 13.81 -21.83 7.01
N GLU A 343 12.95 -21.90 6.01
CA GLU A 343 13.32 -21.38 4.69
C GLU A 343 12.59 -20.06 4.44
N LYS A 344 13.33 -18.96 4.48
CA LYS A 344 12.70 -17.64 4.48
C LYS A 344 12.18 -17.27 3.15
N GLY A 345 10.92 -16.91 3.08
CA GLY A 345 10.36 -16.37 1.82
C GLY A 345 10.18 -17.38 0.74
N LYS A 346 10.09 -18.67 1.09
CA LYS A 346 9.99 -19.68 0.09
C LYS A 346 8.60 -20.31 -0.03
N GLY A 347 7.63 -19.94 0.79
CA GLY A 347 6.34 -20.55 0.68
C GLY A 347 5.36 -19.67 -0.10
N LYS A 348 4.10 -19.90 0.18
CA LYS A 348 3.03 -19.41 -0.66
C LYS A 348 1.89 -18.94 0.24
N ASP A 349 1.54 -17.66 0.12
CA ASP A 349 0.33 -17.08 0.67
C ASP A 349 -0.80 -16.98 -0.39
N ALA A 350 -2.02 -16.72 0.07
CA ALA A 350 -3.21 -16.76 -0.79
C ALA A 350 -4.24 -15.67 -0.34
N PRO A 351 -3.89 -14.41 -0.60
CA PRO A 351 -4.55 -13.31 0.06
C PRO A 351 -5.74 -12.66 -0.59
N PHE A 352 -6.06 -12.97 -1.85
CA PHE A 352 -7.03 -12.23 -2.58
C PHE A 352 -8.35 -12.98 -2.75
N VAL A 353 -9.25 -12.41 -3.55
CA VAL A 353 -10.49 -13.15 -3.84
C VAL A 353 -10.41 -13.90 -5.15
N PHE A 354 -9.28 -13.82 -5.86
CA PHE A 354 -9.05 -14.48 -7.14
C PHE A 354 -7.82 -15.39 -6.96
N GLY A 355 -7.99 -16.64 -7.36
CA GLY A 355 -7.00 -17.71 -7.26
C GLY A 355 -5.89 -17.57 -8.29
N PRO A 356 -4.83 -18.39 -8.17
CA PRO A 356 -3.65 -18.26 -9.02
C PRO A 356 -3.87 -18.72 -10.44
N ASP A 357 -4.97 -19.40 -10.67
CA ASP A 357 -5.43 -19.80 -11.98
C ASP A 357 -6.51 -18.87 -12.45
N TYR A 358 -6.65 -17.70 -11.82
CA TYR A 358 -7.67 -16.73 -12.23
C TYR A 358 -9.09 -17.23 -12.16
N LYS A 359 -9.35 -18.12 -11.24
CA LYS A 359 -10.73 -18.55 -10.98
C LYS A 359 -11.12 -17.98 -9.64
N VAL A 360 -12.43 -17.71 -9.42
CA VAL A 360 -12.88 -17.13 -8.17
C VAL A 360 -12.77 -18.04 -6.99
N LYS A 361 -12.39 -17.46 -5.88
CA LYS A 361 -12.34 -18.14 -4.59
C LYS A 361 -13.65 -17.99 -3.74
N PRO A 362 -13.77 -18.75 -2.65
CA PRO A 362 -14.98 -18.58 -1.83
C PRO A 362 -15.04 -17.11 -1.30
N ALA A 363 -13.91 -16.48 -1.05
CA ALA A 363 -13.94 -15.04 -0.66
C ALA A 363 -14.61 -14.12 -1.70
N TYR A 364 -14.46 -14.44 -2.99
CA TYR A 364 -15.12 -13.69 -4.04
C TYR A 364 -16.65 -13.76 -3.87
N TRP A 365 -17.17 -14.97 -3.74
CA TRP A 365 -18.63 -15.10 -3.52
C TRP A 365 -19.09 -14.40 -2.26
N ALA A 366 -18.25 -14.39 -1.22
CA ALA A 366 -18.59 -13.75 0.00
C ALA A 366 -18.71 -12.25 -0.14
N ILE A 367 -18.00 -11.64 -1.09
CA ILE A 367 -18.08 -10.19 -1.24
C ILE A 367 -18.85 -9.65 -2.45
N ILE A 368 -19.22 -10.55 -3.37
CA ILE A 368 -19.97 -10.18 -4.53
C ILE A 368 -21.50 -10.22 -4.20
N ASP A 369 -22.00 -10.98 -3.17
CA ASP A 369 -23.44 -11.09 -2.83
C ASP A 369 -23.97 -9.87 -2.05
N HIS A 370 -25.11 -9.93 -1.57
CA HIS A 370 -25.60 -8.82 -0.81
C HIS A 370 -26.07 -9.29 0.54
N LYS A 371 -25.34 -10.21 1.13
CA LYS A 371 -25.68 -10.81 2.41
C LYS A 371 -24.46 -10.70 3.25
O1 XYP B . -0.84 -10.01 16.44
C1 XYP B . -0.07 -9.01 15.69
C2 XYP B . 1.14 -8.27 16.36
C3 XYP B . 1.50 -7.04 15.49
C4 XYP B . 1.88 -7.54 14.10
C5 XYP B . 0.81 -8.54 13.53
O2 XYP B . 0.82 -7.82 17.66
O3 XYP B . 2.56 -6.16 15.95
O4 XYP B . 2.16 -6.39 13.26
O5 XYP B . 0.42 -9.56 14.47
C1 XYP B . 2.99 -6.62 12.11
C2 XYP B . 2.14 -6.80 10.82
C3 XYP B . 3.04 -6.69 9.58
C4 XYP B . 4.01 -5.50 9.62
C5 XYP B . 4.83 -5.49 10.90
O2 XYP B . 1.50 -8.09 10.81
O3 XYP B . 2.22 -6.67 8.38
O4 XYP B . 4.89 -5.45 8.46
O5 XYP B . 3.86 -5.52 11.99
C1 XYP B . 4.85 -4.35 7.53
C2 XYP B . 6.18 -4.14 6.76
C3 XYP B . 6.14 -3.00 5.72
C4 XYP B . 5.02 -3.15 4.71
C5 XYP B . 3.77 -3.39 5.60
O2 XYP B . 7.11 -3.86 7.75
O3 XYP B . 7.32 -2.89 4.94
O4 XYP B . 5.08 -2.03 3.77
O5 XYP B . 3.90 -4.54 6.51
C1 XYP B . 4.11 -1.79 2.70
C2 XYP B . 4.49 -0.68 1.65
C3 XYP B . 4.35 -1.15 0.18
C4 XYP B . 5.31 -2.35 0.09
C5 XYP B . 5.13 -3.37 1.21
O2 XYP B . 3.89 0.63 1.76
O3 XYP B . 4.85 -0.05 -0.64
O4 XYP B . 5.23 -3.03 -1.16
O5 XYP B . 3.99 -3.03 2.01
C1 XYP B . 6.31 -3.88 -1.35
C2 XYP B . 6.07 -4.46 -2.72
C3 XYP B . 7.17 -5.47 -3.07
C4 XYP B . 8.58 -4.82 -2.82
C5 XYP B . 8.70 -4.09 -1.47
O2 XYP B . 4.71 -4.94 -2.70
O3 XYP B . 6.93 -5.86 -4.44
O4 XYP B . 9.61 -5.81 -2.84
O5 XYP B . 7.58 -3.19 -1.26
ZN ZN C . -15.35 -1.49 -14.60
ZN ZN D . -6.96 -22.95 -7.46
CL CL E . 5.59 -8.41 -5.28
CL CL F . -1.95 -25.04 -7.79
ZN ZN G . 4.94 -7.70 -6.87
ZN ZN H . -21.23 -10.94 1.88
ZN ZN I . -17.53 5.99 -0.59
ZN ZN J . 1.62 -26.33 -7.09
CL CL K . -20.01 -8.99 2.70
ZN ZN L . -13.37 -2.12 -14.94
ZN ZN M . -2.98 -25.89 -5.98
ZN ZN N . -8.26 -23.36 -9.14
#